data_8C0P
#
_entry.id   8C0P
#
_cell.length_a   46.904
_cell.length_b   106.780
_cell.length_c   56.278
_cell.angle_alpha   90.000
_cell.angle_beta   108.092
_cell.angle_gamma   90.000
#
_symmetry.space_group_name_H-M   'P 1 21 1'
#
loop_
_entity.id
_entity.type
_entity.pdbx_description
1 polymer 'Regulatory protein BlaR1'
2 non-polymer [1-[[2,4-bis(trifluoromethyl)phenyl]methyl]benzimidazol-2-yl]sulfanylmethyl-$l^{3}-oxidanyl-bis(oxidanyl)boron
3 water water
#
_entity_poly.entity_id   1
_entity_poly.type   'polypeptide(L)'
_entity_poly.pdbx_seq_one_letter_code
;QSITDYNYKKPLHNDYQILDKSKIFGSNSGSFVMYSMAADAYYIYNEKESRKRYSPNSTYKIYLAMFGLDRHIINDENSR
MSWNHKHYPFDAWNKEQDLNTAMQNSVNWYFERISDQIPKNYTATQLKQLNYGNKNLGSYKSYWMEDSLKISNLEQVIVF
KNMMEQNNHFSKKAKNQLSSSLLIKKNEKYELYGKTGTGIVNGKYNNGWFVGYVITNHDKYYFATHLSDGKPSGKNAELI
SEKILKEMGVLNGQ
;
_entity_poly.pdbx_strand_id   A,B
#
# COMPACT_ATOMS: atom_id res chain seq x y z
N SER A 2 7.73 11.32 38.54
CA SER A 2 6.58 12.26 38.61
C SER A 2 7.00 13.67 38.19
N ILE A 3 8.20 14.10 38.58
CA ILE A 3 8.55 15.51 38.56
C ILE A 3 9.03 15.94 37.18
N THR A 4 9.94 15.17 36.58
CA THR A 4 10.25 15.31 35.17
C THR A 4 9.99 13.98 34.48
N ASP A 5 8.74 13.51 34.64
CA ASP A 5 8.11 12.59 33.70
C ASP A 5 7.12 13.39 32.84
N TYR A 6 7.30 14.72 32.84
CA TYR A 6 6.70 15.60 31.86
C TYR A 6 7.72 15.94 30.79
N ASN A 7 8.97 15.46 30.94
CA ASN A 7 10.07 15.94 30.12
C ASN A 7 11.02 14.79 29.76
N TYR A 8 11.52 14.85 28.53
CA TYR A 8 12.55 13.95 28.05
C TYR A 8 13.87 14.72 28.02
N LYS A 9 14.83 14.33 28.87
CA LYS A 9 16.02 15.13 29.09
C LYS A 9 17.26 14.44 28.50
N LYS A 10 17.13 13.19 28.06
CA LYS A 10 18.28 12.49 27.50
C LYS A 10 18.74 13.21 26.23
N PRO A 11 20.04 13.57 26.10
CA PRO A 11 20.55 14.20 24.88
C PRO A 11 20.79 13.19 23.76
N LEU A 12 20.86 13.70 22.54
CA LEU A 12 21.12 12.89 21.36
C LEU A 12 22.63 12.67 21.20
N HIS A 13 23.05 11.41 21.05
CA HIS A 13 24.38 11.08 20.58
C HIS A 13 24.37 11.14 19.05
N ASN A 14 23.88 12.26 18.50
CA ASN A 14 23.65 12.39 17.07
C ASN A 14 24.03 13.81 16.65
N ASP A 15 24.06 14.00 15.34
CA ASP A 15 23.96 15.32 14.74
C ASP A 15 22.50 15.76 14.80
N TYR A 16 22.27 16.99 15.29
CA TYR A 16 20.95 17.56 15.46
C TYR A 16 20.95 18.96 14.82
N GLN A 17 20.14 19.14 13.76
CA GLN A 17 20.07 20.39 13.03
C GLN A 17 18.81 21.14 13.46
N ILE A 18 18.97 22.43 13.79
CA ILE A 18 17.87 23.26 14.23
C ILE A 18 17.16 23.80 12.99
N LEU A 19 15.81 23.78 13.02
CA LEU A 19 14.98 24.27 11.93
C LEU A 19 14.22 25.49 12.41
N ASP A 20 13.73 26.30 11.45
CA ASP A 20 12.76 27.35 11.72
C ASP A 20 11.58 27.14 10.78
N LYS A 21 10.50 26.58 11.33
CA LYS A 21 9.28 26.35 10.57
C LYS A 21 8.14 27.10 11.24
N SER A 22 8.49 28.21 11.93
CA SER A 22 7.54 29.03 12.66
C SER A 22 6.49 29.60 11.71
N LYS A 23 6.87 29.89 10.45
CA LYS A 23 5.96 30.46 9.48
C LYS A 23 4.88 29.46 9.11
N ILE A 24 5.25 28.17 8.94
CA ILE A 24 4.27 27.16 8.59
C ILE A 24 3.36 26.88 9.79
N PHE A 25 3.91 26.91 11.01
CA PHE A 25 3.13 26.67 12.22
C PHE A 25 2.14 27.81 12.42
N GLY A 26 2.57 29.04 12.07
CA GLY A 26 1.74 30.22 12.16
C GLY A 26 1.34 30.52 13.61
N SER A 27 0.03 30.60 13.84
CA SER A 27 -0.51 30.86 15.17
C SER A 27 -0.73 29.56 15.96
N ASN A 28 -0.25 28.43 15.44
CA ASN A 28 -0.22 27.18 16.21
C ASN A 28 1.11 27.12 16.96
N SER A 29 1.06 26.55 18.18
CA SER A 29 2.26 26.29 18.95
C SER A 29 2.59 24.79 18.86
N GLY A 30 3.88 24.47 18.75
CA GLY A 30 4.31 23.08 18.84
C GLY A 30 5.73 22.87 18.33
N SER A 31 5.97 21.65 17.84
CA SER A 31 7.29 21.25 17.41
C SER A 31 7.22 20.25 16.25
N PHE A 32 8.35 20.12 15.56
CA PHE A 32 8.49 19.16 14.47
C PHE A 32 9.85 18.49 14.61
N VAL A 33 9.86 17.16 14.50
CA VAL A 33 11.08 16.39 14.59
C VAL A 33 11.13 15.48 13.37
N MET A 34 12.30 15.34 12.75
CA MET A 34 12.47 14.41 11.65
C MET A 34 13.83 13.74 11.80
N TYR A 35 13.88 12.45 11.42
CA TYR A 35 15.12 11.69 11.41
C TYR A 35 15.31 11.08 10.02
N SER A 36 16.51 11.25 9.47
CA SER A 36 16.89 10.64 8.21
C SER A 36 17.73 9.40 8.49
N MET A 37 17.34 8.25 7.91
CA MET A 37 18.08 7.02 8.12
C MET A 37 19.44 7.05 7.40
N ALA A 38 19.49 7.69 6.23
CA ALA A 38 20.72 7.76 5.44
C ALA A 38 21.74 8.69 6.10
N ALA A 39 21.27 9.82 6.66
CA ALA A 39 22.12 10.80 7.31
C ALA A 39 22.37 10.42 8.77
N ASP A 40 21.50 9.58 9.34
CA ASP A 40 21.51 9.26 10.76
C ASP A 40 21.49 10.57 11.57
N ALA A 41 20.65 11.52 11.17
CA ALA A 41 20.64 12.86 11.76
C ALA A 41 19.22 13.30 12.07
N TYR A 42 19.08 14.15 13.09
CA TYR A 42 17.79 14.70 13.50
C TYR A 42 17.67 16.16 13.07
N TYR A 43 16.50 16.54 12.58
CA TYR A 43 16.17 17.93 12.29
C TYR A 43 14.97 18.32 13.15
N ILE A 44 15.13 19.40 13.94
CA ILE A 44 14.16 19.74 14.96
C ILE A 44 13.78 21.22 14.87
N TYR A 45 12.46 21.48 14.89
CA TYR A 45 11.91 22.80 15.13
C TYR A 45 11.34 22.84 16.55
N ASN A 46 11.83 23.80 17.36
N ASN A 46 11.77 23.82 17.35
CA ASN A 46 11.39 24.03 18.72
CA ASN A 46 11.36 24.01 18.73
C ASN A 46 11.78 22.85 19.60
C ASN A 46 11.78 22.82 19.59
N GLU A 47 13.10 22.69 19.81
CA GLU A 47 13.67 21.56 20.51
C GLU A 47 13.15 21.49 21.95
N LYS A 48 12.88 22.67 22.55
CA LYS A 48 12.30 22.80 23.87
C LYS A 48 10.94 22.10 23.94
N GLU A 49 9.99 22.51 23.09
CA GLU A 49 8.67 21.89 23.10
C GLU A 49 8.79 20.41 22.74
N SER A 50 9.77 20.06 21.89
CA SER A 50 9.90 18.70 21.38
C SER A 50 10.20 17.70 22.51
N ARG A 51 10.68 18.20 23.66
CA ARG A 51 11.05 17.33 24.75
C ARG A 51 9.99 17.30 25.86
N LYS A 52 8.94 18.12 25.73
N LYS A 52 8.95 18.13 25.74
CA LYS A 52 7.84 18.11 26.69
CA LYS A 52 7.83 18.10 26.67
C LYS A 52 6.89 16.97 26.33
C LYS A 52 6.93 16.92 26.32
N ARG A 53 6.53 16.17 27.35
CA ARG A 53 5.73 14.96 27.18
C ARG A 53 4.24 15.30 27.22
N TYR A 54 3.50 14.73 26.25
CA TYR A 54 2.06 14.87 26.18
C TYR A 54 1.40 13.50 25.97
N SER A 55 0.10 13.41 26.28
CA SER A 55 -0.68 12.23 25.98
C SER A 55 -0.56 11.94 24.48
N PRO A 56 -0.30 10.68 24.07
CA PRO A 56 -0.20 10.35 22.65
C PRO A 56 -1.54 10.26 21.93
N ASN A 57 -2.63 10.08 22.70
CA ASN A 57 -3.96 9.86 22.14
C ASN A 57 -3.89 8.76 21.07
N SER A 58 -4.56 8.96 19.93
CA SER A 58 -4.62 7.86 18.96
C SER A 58 -3.31 7.45 18.30
N THR A 59 -2.22 8.21 18.51
CA THR A 59 -0.93 7.76 18.00
C THR A 59 -0.51 6.46 18.68
N TYR A 60 -0.99 6.25 19.91
CA TYR A 60 -0.70 5.03 20.64
C TYR A 60 -1.35 3.79 19.98
N LYS A 61 -2.32 3.97 19.08
CA LYS A 61 -2.92 2.83 18.39
C LYS A 61 -1.89 2.08 17.53
N ILE A 62 -0.85 2.79 17.07
CA ILE A 62 0.30 2.17 16.43
C ILE A 62 0.79 1.00 17.29
N TYR A 63 0.94 1.26 18.59
CA TYR A 63 1.56 0.32 19.50
C TYR A 63 0.56 -0.74 19.93
N LEU A 64 -0.71 -0.38 20.14
CA LEU A 64 -1.75 -1.36 20.44
C LEU A 64 -1.88 -2.34 19.28
N ALA A 65 -1.77 -1.83 18.03
CA ALA A 65 -1.79 -2.69 16.85
C ALA A 65 -0.64 -3.70 16.91
N MET A 66 0.58 -3.20 17.14
CA MET A 66 1.75 -4.05 17.21
C MET A 66 1.61 -5.08 18.32
N PHE A 67 1.16 -4.65 19.52
CA PHE A 67 0.94 -5.57 20.63
C PHE A 67 -0.10 -6.62 20.27
N GLY A 68 -1.18 -6.21 19.60
CA GLY A 68 -2.22 -7.12 19.18
C GLY A 68 -1.72 -8.16 18.17
N LEU A 69 -0.82 -7.75 17.28
CA LEU A 69 -0.24 -8.66 16.31
C LEU A 69 0.71 -9.61 17.03
N ASP A 70 1.59 -9.05 17.85
CA ASP A 70 2.57 -9.83 18.60
C ASP A 70 1.86 -10.93 19.39
N ARG A 71 0.72 -10.60 20.03
CA ARG A 71 0.04 -11.53 20.92
C ARG A 71 -1.03 -12.35 20.19
N HIS A 72 -1.15 -12.18 18.87
CA HIS A 72 -2.00 -13.01 18.03
C HIS A 72 -3.47 -12.72 18.29
N ILE A 73 -3.79 -11.53 18.82
CA ILE A 73 -5.17 -11.10 19.01
C ILE A 73 -5.79 -10.81 17.65
N ILE A 74 -4.98 -10.26 16.75
CA ILE A 74 -5.32 -10.14 15.34
C ILE A 74 -4.15 -10.73 14.54
N ASN A 75 -4.38 -11.03 13.26
CA ASN A 75 -3.32 -11.54 12.39
C ASN A 75 -3.60 -11.12 10.95
N ASP A 76 -2.80 -11.60 10.00
CA ASP A 76 -2.87 -11.17 8.61
C ASP A 76 -4.03 -11.84 7.88
N GLU A 77 -4.54 -12.94 8.41
CA GLU A 77 -5.65 -13.66 7.81
C GLU A 77 -6.97 -13.03 8.27
N ASN A 78 -7.02 -12.60 9.54
CA ASN A 78 -8.23 -12.06 10.12
C ASN A 78 -7.87 -11.01 11.17
N SER A 79 -8.10 -9.73 10.86
CA SER A 79 -7.99 -8.67 11.84
C SER A 79 -9.35 -8.03 12.08
N ARG A 80 -10.41 -8.71 11.63
CA ARG A 80 -11.78 -8.19 11.65
C ARG A 80 -12.37 -8.31 13.06
N MET A 81 -13.24 -7.35 13.40
CA MET A 81 -13.94 -7.33 14.67
C MET A 81 -15.34 -6.80 14.38
N SER A 82 -16.36 -7.49 14.90
CA SER A 82 -17.74 -7.12 14.63
C SER A 82 -18.12 -5.94 15.52
N TRP A 83 -18.89 -5.03 14.93
CA TRP A 83 -19.58 -3.98 15.65
C TRP A 83 -20.52 -4.59 16.69
N ASN A 84 -20.56 -4.03 17.91
CA ASN A 84 -21.41 -4.56 18.97
C ASN A 84 -22.76 -3.85 19.00
N HIS A 85 -23.04 -3.03 17.98
CA HIS A 85 -24.33 -2.39 17.78
C HIS A 85 -24.54 -1.29 18.81
N LYS A 86 -23.44 -0.60 19.16
CA LYS A 86 -23.49 0.60 19.98
C LYS A 86 -23.37 1.81 19.05
N HIS A 87 -24.33 2.75 19.14
CA HIS A 87 -24.34 3.87 18.22
C HIS A 87 -23.34 4.92 18.68
N TYR A 88 -22.22 5.04 17.95
CA TYR A 88 -21.26 6.10 18.15
C TYR A 88 -21.70 7.29 17.30
N PRO A 89 -21.26 8.52 17.62
CA PRO A 89 -21.61 9.70 16.82
C PRO A 89 -20.88 9.88 15.50
N PHE A 90 -20.10 8.86 15.08
CA PHE A 90 -19.42 8.85 13.79
C PHE A 90 -19.79 7.59 13.04
N ASP A 91 -20.34 7.75 11.82
CA ASP A 91 -20.87 6.61 11.07
C ASP A 91 -19.78 5.59 10.75
N ALA A 92 -18.52 6.03 10.60
CA ALA A 92 -17.42 5.12 10.29
C ALA A 92 -17.15 4.15 11.43
N TRP A 93 -17.58 4.50 12.66
CA TRP A 93 -17.38 3.65 13.83
C TRP A 93 -18.49 2.60 13.93
N ASN A 94 -19.67 2.88 13.33
CA ASN A 94 -20.87 2.08 13.54
C ASN A 94 -20.92 0.89 12.56
N LYS A 95 -19.86 0.07 12.53
CA LYS A 95 -19.74 -1.02 11.58
C LYS A 95 -18.55 -1.90 11.94
N GLU A 96 -18.52 -3.10 11.36
CA GLU A 96 -17.38 -4.02 11.45
C GLU A 96 -16.11 -3.29 11.00
N GLN A 97 -14.96 -3.71 11.54
CA GLN A 97 -13.69 -3.09 11.21
C GLN A 97 -12.66 -4.18 10.95
N ASP A 98 -11.60 -3.85 10.23
CA ASP A 98 -10.36 -4.60 10.29
C ASP A 98 -9.28 -3.62 10.75
N LEU A 99 -8.02 -4.06 10.80
CA LEU A 99 -6.96 -3.19 11.28
C LEU A 99 -6.90 -1.93 10.42
N ASN A 100 -7.02 -2.12 9.10
CA ASN A 100 -6.89 -1.04 8.13
C ASN A 100 -7.95 0.03 8.38
N THR A 101 -9.23 -0.36 8.50
CA THR A 101 -10.30 0.61 8.66
C THR A 101 -10.23 1.23 10.05
N ALA A 102 -9.88 0.42 11.05
CA ALA A 102 -9.80 0.87 12.42
C ALA A 102 -8.75 1.96 12.54
N MET A 103 -7.59 1.73 11.88
CA MET A 103 -6.49 2.68 11.95
C MET A 103 -6.84 3.96 11.18
N GLN A 104 -7.45 3.78 10.00
CA GLN A 104 -7.78 4.89 9.11
C GLN A 104 -8.81 5.82 9.76
N ASN A 105 -9.80 5.23 10.46
CA ASN A 105 -10.92 5.99 10.99
C ASN A 105 -10.78 6.22 12.50
N SER A 106 -9.63 5.83 13.07
CA SER A 106 -9.34 6.05 14.49
C SER A 106 -10.50 5.55 15.36
N VAL A 107 -10.87 4.27 15.15
CA VAL A 107 -12.00 3.68 15.84
C VAL A 107 -11.54 3.21 17.21
N ASN A 108 -11.90 3.97 18.25
CA ASN A 108 -11.46 3.71 19.61
C ASN A 108 -11.83 2.29 20.05
N TRP A 109 -13.05 1.83 19.74
CA TRP A 109 -13.55 0.62 20.38
C TRP A 109 -12.76 -0.61 19.95
N TYR A 110 -12.28 -0.61 18.71
CA TYR A 110 -11.44 -1.67 18.16
C TYR A 110 -10.17 -1.81 18.98
N PHE A 111 -9.50 -0.67 19.22
CA PHE A 111 -8.23 -0.66 19.93
C PHE A 111 -8.44 -0.88 21.42
N GLU A 112 -9.56 -0.40 21.97
CA GLU A 112 -9.90 -0.68 23.36
C GLU A 112 -10.13 -2.17 23.57
N ARG A 113 -10.76 -2.84 22.58
CA ARG A 113 -11.01 -4.27 22.65
C ARG A 113 -9.68 -5.03 22.62
N ILE A 114 -8.70 -4.54 21.87
CA ILE A 114 -7.37 -5.15 21.88
C ILE A 114 -6.73 -4.96 23.26
N SER A 115 -6.75 -3.72 23.77
CA SER A 115 -6.10 -3.39 25.02
C SER A 115 -6.64 -4.26 26.15
N ASP A 116 -7.95 -4.57 26.12
CA ASP A 116 -8.64 -5.30 27.17
C ASP A 116 -8.13 -6.75 27.26
N GLN A 117 -7.52 -7.25 26.19
CA GLN A 117 -7.02 -8.61 26.16
C GLN A 117 -5.51 -8.67 26.39
N ILE A 118 -4.85 -7.53 26.65
CA ILE A 118 -3.41 -7.49 26.88
C ILE A 118 -3.15 -7.32 28.38
N PRO A 119 -2.40 -8.24 29.01
CA PRO A 119 -2.14 -8.16 30.45
C PRO A 119 -1.17 -7.02 30.74
N LYS A 120 -1.44 -6.30 31.84
CA LYS A 120 -0.70 -5.10 32.19
C LYS A 120 0.81 -5.38 32.22
N ASN A 121 1.21 -6.54 32.74
CA ASN A 121 2.63 -6.86 32.88
C ASN A 121 3.33 -6.92 31.52
N TYR A 122 2.64 -7.39 30.47
CA TYR A 122 3.21 -7.41 29.13
C TYR A 122 3.40 -5.99 28.61
N THR A 123 2.39 -5.13 28.79
CA THR A 123 2.47 -3.73 28.37
C THR A 123 3.57 -2.98 29.11
N ALA A 124 3.71 -3.21 30.42
CA ALA A 124 4.78 -2.58 31.19
C ALA A 124 6.14 -3.01 30.66
N THR A 125 6.28 -4.29 30.29
CA THR A 125 7.52 -4.81 29.73
C THR A 125 7.82 -4.15 28.38
N GLN A 126 6.80 -3.98 27.55
CA GLN A 126 7.02 -3.43 26.22
C GLN A 126 7.39 -1.96 26.30
N LEU A 127 6.73 -1.17 27.16
CA LEU A 127 7.00 0.26 27.23
C LEU A 127 8.41 0.50 27.78
N LYS A 128 8.86 -0.39 28.67
CA LYS A 128 10.21 -0.35 29.21
C LYS A 128 11.25 -0.62 28.12
N GLN A 129 11.02 -1.68 27.33
CA GLN A 129 11.94 -2.06 26.26
C GLN A 129 11.94 -1.05 25.12
N LEU A 130 10.78 -0.44 24.82
CA LEU A 130 10.66 0.56 23.78
C LEU A 130 11.16 1.94 24.22
N ASN A 131 11.27 2.15 25.55
CA ASN A 131 11.55 3.45 26.13
C ASN A 131 10.42 4.43 25.77
N TYR A 132 9.18 3.99 25.96
CA TYR A 132 8.02 4.78 25.56
C TYR A 132 7.70 5.83 26.64
N GLY A 133 8.20 7.05 26.44
CA GLY A 133 7.76 8.19 27.23
C GLY A 133 7.95 7.95 28.72
N ASN A 134 6.93 8.32 29.51
CA ASN A 134 6.99 8.17 30.97
C ASN A 134 6.62 6.75 31.42
N LYS A 135 6.12 5.91 30.50
CA LYS A 135 5.79 4.52 30.80
C LYS A 135 4.76 4.43 31.93
N ASN A 136 3.90 5.43 32.07
CA ASN A 136 2.97 5.49 33.18
C ASN A 136 1.61 4.97 32.72
N LEU A 137 1.23 3.80 33.26
CA LEU A 137 0.03 3.11 32.87
C LEU A 137 -1.17 3.52 33.72
N GLY A 138 -0.93 4.21 34.84
CA GLY A 138 -2.02 4.73 35.66
C GLY A 138 -3.04 3.65 36.03
N SER A 139 -4.33 3.95 35.77
CA SER A 139 -5.44 3.06 36.10
C SER A 139 -5.59 1.94 35.08
N TYR A 140 -4.84 2.00 33.97
CA TYR A 140 -4.85 0.97 32.94
C TYR A 140 -6.25 0.89 32.30
N LYS A 141 -6.91 2.03 32.14
CA LYS A 141 -8.17 2.15 31.40
C LYS A 141 -8.04 3.33 30.43
N SER A 142 -7.83 3.02 29.14
CA SER A 142 -7.62 4.03 28.12
C SER A 142 -6.53 5.01 28.56
N TYR A 143 -5.43 4.46 29.08
CA TYR A 143 -4.34 5.21 29.70
C TYR A 143 -3.63 6.11 28.69
N TRP A 144 -3.85 5.87 27.40
CA TRP A 144 -3.20 6.61 26.31
C TRP A 144 -4.03 7.81 25.88
N MET A 145 -5.25 7.99 26.41
CA MET A 145 -6.17 9.03 25.96
C MET A 145 -6.33 10.08 27.06
N GLU A 146 -5.54 11.16 26.95
CA GLU A 146 -5.52 12.29 27.87
C GLU A 146 -5.53 11.80 29.32
N ASP A 147 -4.58 10.92 29.65
CA ASP A 147 -4.54 10.25 30.94
C ASP A 147 -3.08 10.16 31.41
N SER A 148 -2.68 9.00 31.92
CA SER A 148 -1.41 8.87 32.64
C SER A 148 -0.22 8.85 31.68
N LEU A 149 -0.35 8.13 30.55
CA LEU A 149 0.78 7.91 29.67
C LEU A 149 1.07 9.18 28.87
N LYS A 150 2.35 9.59 28.85
CA LYS A 150 2.78 10.74 28.08
C LYS A 150 4.11 10.44 27.40
N ILE A 151 4.34 11.10 26.27
CA ILE A 151 5.53 10.93 25.45
C ILE A 151 5.84 12.26 24.77
N SER A 152 7.12 12.50 24.50
CA SER A 152 7.53 13.74 23.83
C SER A 152 7.55 13.53 22.32
N ASN A 153 7.53 14.65 21.59
CA ASN A 153 7.55 14.65 20.14
C ASN A 153 8.86 14.03 19.65
N LEU A 154 9.97 14.40 20.30
CA LEU A 154 11.27 13.84 20.00
C LEU A 154 11.24 12.33 20.19
N GLU A 155 10.67 11.85 21.33
CA GLU A 155 10.58 10.42 21.60
C GLU A 155 9.64 9.71 20.64
N GLN A 156 8.58 10.38 20.16
CA GLN A 156 7.70 9.73 19.19
C GLN A 156 8.55 9.24 18.01
N VAL A 157 9.51 10.04 17.56
CA VAL A 157 10.35 9.66 16.43
C VAL A 157 11.37 8.59 16.82
N ILE A 158 12.11 8.80 17.92
CA ILE A 158 13.10 7.82 18.35
C ILE A 158 12.46 6.45 18.53
N VAL A 159 11.33 6.41 19.27
CA VAL A 159 10.75 5.15 19.71
C VAL A 159 10.20 4.37 18.51
N PHE A 160 9.54 5.08 17.58
CA PHE A 160 8.91 4.44 16.43
C PHE A 160 9.99 3.91 15.48
N LYS A 161 11.02 4.73 15.25
CA LYS A 161 12.13 4.35 14.39
C LYS A 161 12.82 3.11 14.94
N ASN A 162 13.11 3.11 16.24
CA ASN A 162 13.78 1.97 16.89
C ASN A 162 12.91 0.72 16.84
N MET A 163 11.61 0.84 17.11
CA MET A 163 10.72 -0.32 17.11
C MET A 163 10.69 -0.95 15.72
N MET A 164 10.61 -0.12 14.67
CA MET A 164 10.46 -0.61 13.30
C MET A 164 11.81 -1.09 12.76
N GLU A 165 12.90 -0.35 13.00
CA GLU A 165 14.16 -0.57 12.28
C GLU A 165 15.09 -1.55 12.99
N GLN A 166 14.96 -1.73 14.31
CA GLN A 166 15.86 -2.66 14.99
C GLN A 166 15.29 -4.07 14.96
N ASN A 167 16.20 -5.05 15.01
CA ASN A 167 15.86 -6.47 15.10
C ASN A 167 15.46 -6.78 16.54
N ASN A 168 14.15 -6.84 16.80
CA ASN A 168 13.66 -7.03 18.14
C ASN A 168 12.69 -8.21 18.12
N HIS A 169 11.88 -8.36 19.17
CA HIS A 169 11.04 -9.54 19.29
C HIS A 169 9.81 -9.43 18.39
N PHE A 170 9.57 -8.24 17.81
CA PHE A 170 8.44 -8.06 16.91
C PHE A 170 8.81 -8.61 15.53
N SER A 171 7.93 -9.44 14.96
CA SER A 171 8.18 -10.08 13.68
C SER A 171 8.09 -9.06 12.55
N LYS A 172 8.70 -9.41 11.41
CA LYS A 172 8.70 -8.59 10.21
C LYS A 172 7.29 -8.49 9.64
N LYS A 173 6.54 -9.59 9.70
CA LYS A 173 5.20 -9.63 9.13
C LYS A 173 4.26 -8.71 9.92
N ALA A 174 4.44 -8.62 11.25
CA ALA A 174 3.65 -7.72 12.08
C ALA A 174 3.99 -6.27 11.71
N LYS A 175 5.28 -5.95 11.55
CA LYS A 175 5.69 -4.60 11.15
C LYS A 175 5.13 -4.26 9.78
N ASN A 176 5.11 -5.24 8.86
CA ASN A 176 4.55 -5.08 7.52
C ASN A 176 3.04 -4.86 7.56
N GLN A 177 2.33 -5.64 8.38
CA GLN A 177 0.88 -5.45 8.49
C GLN A 177 0.58 -4.11 9.15
N LEU A 178 1.35 -3.72 10.17
CA LEU A 178 1.17 -2.39 10.75
C LEU A 178 1.38 -1.31 9.70
N SER A 179 2.47 -1.43 8.91
CA SER A 179 2.82 -0.43 7.90
C SER A 179 1.68 -0.22 6.92
N SER A 180 1.08 -1.33 6.47
CA SER A 180 -0.02 -1.31 5.53
C SER A 180 -1.17 -0.49 6.08
N SER A 181 -1.43 -0.63 7.38
CA SER A 181 -2.52 0.07 8.04
C SER A 181 -2.27 1.57 8.11
N LEU A 182 -0.99 1.95 8.01
CA LEU A 182 -0.58 3.34 8.19
C LEU A 182 -0.38 4.06 6.86
N LEU A 183 -0.46 3.35 5.71
CA LEU A 183 -0.16 4.00 4.44
C LEU A 183 -1.22 5.05 4.12
N ILE A 184 -0.78 6.28 3.88
CA ILE A 184 -1.69 7.38 3.59
C ILE A 184 -1.59 7.75 2.11
N LYS A 185 -0.37 7.85 1.60
CA LYS A 185 -0.16 8.34 0.25
C LYS A 185 1.02 7.63 -0.40
N LYS A 186 0.88 7.35 -1.71
CA LYS A 186 1.94 6.74 -2.50
C LYS A 186 1.83 7.28 -3.91
N ASN A 187 2.97 7.76 -4.43
CA ASN A 187 3.07 8.10 -5.82
C ASN A 187 4.41 7.55 -6.27
N GLU A 188 4.89 8.04 -7.42
CA GLU A 188 6.13 7.57 -8.03
C GLU A 188 7.36 7.95 -7.19
N LYS A 189 7.26 9.02 -6.38
CA LYS A 189 8.38 9.56 -5.63
C LYS A 189 8.46 9.01 -4.20
N TYR A 190 7.31 8.76 -3.56
CA TYR A 190 7.34 8.46 -2.13
C TYR A 190 6.14 7.63 -1.69
N GLU A 191 6.29 7.03 -0.49
CA GLU A 191 5.20 6.48 0.29
C GLU A 191 5.19 7.20 1.65
N LEU A 192 4.02 7.73 2.02
CA LEU A 192 3.82 8.43 3.27
C LEU A 192 2.92 7.58 4.17
N TYR A 193 3.46 7.28 5.36
CA TYR A 193 2.78 6.51 6.38
C TYR A 193 2.57 7.41 7.59
N GLY A 194 1.45 7.28 8.29
CA GLY A 194 1.40 7.94 9.58
C GLY A 194 0.06 7.78 10.27
N LYS A 195 -0.02 8.40 11.45
CA LYS A 195 -1.19 8.29 12.31
C LYS A 195 -1.41 9.63 12.99
N THR A 196 -2.66 10.11 12.92
CA THR A 196 -3.07 11.28 13.65
C THR A 196 -3.44 10.91 15.09
N GLY A 197 -3.31 11.92 15.96
CA GLY A 197 -3.90 11.84 17.27
C GLY A 197 -4.50 13.19 17.63
N THR A 198 -5.62 13.13 18.35
CA THR A 198 -6.34 14.32 18.77
C THR A 198 -6.85 14.12 20.19
N GLY A 199 -6.48 15.04 21.07
CA GLY A 199 -7.04 15.07 22.42
C GLY A 199 -8.13 16.13 22.53
N ILE A 200 -9.23 15.79 23.19
CA ILE A 200 -10.32 16.74 23.44
C ILE A 200 -10.52 16.88 24.94
N VAL A 201 -10.42 18.11 25.44
CA VAL A 201 -10.73 18.47 26.81
C VAL A 201 -11.85 19.52 26.80
N ASN A 202 -13.02 19.16 27.36
CA ASN A 202 -14.14 20.08 27.47
C ASN A 202 -14.59 20.57 26.09
N GLY A 203 -14.76 19.62 25.16
CA GLY A 203 -15.22 19.92 23.81
C GLY A 203 -14.28 20.82 23.01
N LYS A 204 -13.00 20.91 23.42
CA LYS A 204 -12.03 21.73 22.72
C LYS A 204 -10.77 20.91 22.44
N TYR A 205 -10.09 21.24 21.34
CA TYR A 205 -8.85 20.59 20.95
C TYR A 205 -7.73 21.01 21.88
N ASN A 206 -7.05 20.03 22.46
CA ASN A 206 -6.05 20.25 23.49
C ASN A 206 -4.68 19.76 23.03
N ASN A 207 -4.63 18.92 21.99
CA ASN A 207 -3.44 18.11 21.75
C ASN A 207 -3.56 17.42 20.39
N GLY A 208 -2.71 17.85 19.45
CA GLY A 208 -2.70 17.29 18.10
C GLY A 208 -1.36 16.64 17.76
N TRP A 209 -1.42 15.49 17.09
CA TRP A 209 -0.25 14.71 16.68
C TRP A 209 -0.39 14.29 15.24
N PHE A 210 0.77 14.15 14.59
CA PHE A 210 0.90 13.32 13.41
C PHE A 210 2.29 12.68 13.43
N VAL A 211 2.32 11.35 13.51
CA VAL A 211 3.55 10.58 13.66
C VAL A 211 3.63 9.65 12.45
N GLY A 212 4.81 9.53 11.83
CA GLY A 212 4.85 8.67 10.67
C GLY A 212 6.25 8.54 10.07
N TYR A 213 6.27 8.00 8.84
CA TYR A 213 7.52 7.92 8.09
C TYR A 213 7.24 7.98 6.59
N VAL A 214 8.30 8.29 5.85
CA VAL A 214 8.26 8.44 4.40
C VAL A 214 9.38 7.58 3.82
N ILE A 215 9.05 6.76 2.82
CA ILE A 215 10.05 6.04 2.05
C ILE A 215 10.14 6.72 0.68
N THR A 216 11.36 7.12 0.30
CA THR A 216 11.64 7.55 -1.06
C THR A 216 12.51 6.51 -1.75
N ASN A 217 12.92 6.84 -2.98
CA ASN A 217 13.87 6.05 -3.74
C ASN A 217 15.22 5.94 -3.01
N HIS A 218 15.56 6.95 -2.20
CA HIS A 218 16.92 7.13 -1.72
C HIS A 218 17.05 7.02 -0.20
N ASP A 219 15.95 7.18 0.56
CA ASP A 219 16.08 7.31 2.01
C ASP A 219 14.76 6.91 2.67
N LYS A 220 14.78 6.87 3.99
CA LYS A 220 13.60 6.68 4.81
C LYS A 220 13.65 7.70 5.93
N TYR A 221 12.57 8.47 6.12
CA TYR A 221 12.53 9.51 7.14
C TYR A 221 11.40 9.20 8.14
N TYR A 222 11.72 9.20 9.44
CA TYR A 222 10.70 9.17 10.48
C TYR A 222 10.46 10.59 10.97
N PHE A 223 9.21 10.92 11.30
CA PHE A 223 8.89 12.29 11.65
C PHE A 223 7.71 12.33 12.59
N ALA A 224 7.54 13.49 13.25
CA ALA A 224 6.34 13.73 14.02
C ALA A 224 6.18 15.22 14.25
N THR A 225 4.92 15.64 14.21
CA THR A 225 4.48 16.98 14.57
C THR A 225 3.59 16.89 15.82
N HIS A 226 3.84 17.77 16.79
CA HIS A 226 2.96 17.97 17.92
C HIS A 226 2.47 19.42 17.95
N LEU A 227 1.17 19.61 18.19
CA LEU A 227 0.56 20.91 18.38
C LEU A 227 0.01 21.02 19.80
N SER A 228 0.42 22.07 20.53
CA SER A 228 0.00 22.25 21.91
C SER A 228 -1.06 23.35 22.01
N ASP A 229 -1.17 24.22 21.01
CA ASP A 229 -2.03 25.39 21.14
C ASP A 229 -2.37 25.94 19.77
N GLY A 230 -3.34 26.87 19.75
CA GLY A 230 -3.90 27.42 18.53
C GLY A 230 -5.14 26.63 18.09
N LYS A 231 -4.95 25.73 17.12
CA LYS A 231 -5.94 24.73 16.76
C LYS A 231 -5.27 23.36 16.80
N PRO A 232 -5.03 22.80 18.00
CA PRO A 232 -4.20 21.59 18.13
C PRO A 232 -4.95 20.28 17.87
N SER A 233 -5.23 20.02 16.59
CA SER A 233 -5.91 18.82 16.16
C SER A 233 -4.91 17.92 15.43
N GLY A 234 -5.22 16.61 15.36
CA GLY A 234 -4.46 15.67 14.55
C GLY A 234 -4.44 16.06 13.07
N LYS A 235 -5.60 16.48 12.55
CA LYS A 235 -5.71 16.87 11.14
C LYS A 235 -4.77 18.03 10.84
N ASN A 236 -4.72 19.00 11.75
CA ASN A 236 -3.90 20.19 11.56
C ASN A 236 -2.40 19.84 11.64
N ALA A 237 -2.04 18.96 12.59
CA ALA A 237 -0.68 18.44 12.71
C ALA A 237 -0.26 17.73 11.42
N GLU A 238 -1.20 17.02 10.78
CA GLU A 238 -0.92 16.35 9.52
C GLU A 238 -0.64 17.37 8.40
N LEU A 239 -1.48 18.42 8.29
CA LEU A 239 -1.31 19.41 7.23
C LEU A 239 0.05 20.10 7.37
N ILE A 240 0.42 20.46 8.61
CA ILE A 240 1.69 21.11 8.88
C ILE A 240 2.85 20.17 8.54
N SER A 241 2.74 18.90 8.93
CA SER A 241 3.78 17.91 8.62
C SER A 241 4.04 17.87 7.12
N GLU A 242 2.97 17.86 6.34
CA GLU A 242 3.04 17.63 4.90
C GLU A 242 3.63 18.86 4.21
N LYS A 243 3.29 20.06 4.68
CA LYS A 243 3.90 21.30 4.18
C LYS A 243 5.40 21.33 4.48
N ILE A 244 5.80 20.91 5.69
CA ILE A 244 7.19 20.94 6.08
C ILE A 244 8.00 19.93 5.27
N LEU A 245 7.47 18.70 5.13
CA LEU A 245 8.15 17.64 4.41
C LEU A 245 8.31 18.00 2.93
N LYS A 246 7.26 18.60 2.34
CA LYS A 246 7.29 19.02 0.94
C LYS A 246 8.43 20.02 0.72
N GLU A 247 8.48 21.05 1.57
CA GLU A 247 9.49 22.10 1.53
C GLU A 247 10.91 21.56 1.64
N MET A 248 11.08 20.46 2.39
CA MET A 248 12.39 19.90 2.67
C MET A 248 12.80 18.93 1.57
N GLY A 249 11.90 18.68 0.60
CA GLY A 249 12.21 17.88 -0.58
C GLY A 249 11.95 16.40 -0.36
N VAL A 250 11.27 16.07 0.75
CA VAL A 250 10.98 14.69 1.11
C VAL A 250 9.82 14.19 0.25
N LEU A 251 8.83 15.07 0.01
CA LEU A 251 7.65 14.75 -0.77
C LEU A 251 7.77 15.48 -2.10
N ASN A 252 7.74 14.73 -3.21
CA ASN A 252 7.62 15.32 -4.53
C ASN A 252 6.44 14.66 -5.26
N GLY A 253 6.03 15.29 -6.37
CA GLY A 253 4.89 14.83 -7.14
C GLY A 253 3.57 15.25 -6.50
N SER B 2 -5.99 -23.21 -34.15
CA SER B 2 -7.43 -23.05 -34.47
C SER B 2 -7.70 -21.60 -34.86
N ILE B 3 -8.76 -21.38 -35.64
CA ILE B 3 -8.92 -20.17 -36.44
C ILE B 3 -9.60 -19.05 -35.62
N THR B 4 -10.41 -19.40 -34.62
CA THR B 4 -10.97 -18.42 -33.70
C THR B 4 -10.38 -18.62 -32.31
N ASP B 5 -9.13 -19.05 -32.23
CA ASP B 5 -8.35 -19.00 -31.01
C ASP B 5 -7.53 -17.72 -30.99
N TYR B 6 -7.70 -16.88 -32.03
CA TYR B 6 -7.15 -15.54 -32.06
C TYR B 6 -8.17 -14.53 -31.52
N ASN B 7 -9.42 -14.99 -31.28
CA ASN B 7 -10.52 -14.10 -30.96
C ASN B 7 -11.35 -14.67 -29.81
N TYR B 8 -11.95 -13.78 -29.02
CA TYR B 8 -12.84 -14.12 -27.92
C TYR B 8 -14.25 -13.65 -28.29
N LYS B 9 -15.20 -14.60 -28.33
CA LYS B 9 -16.48 -14.37 -28.98
C LYS B 9 -17.64 -14.40 -27.98
N LYS B 10 -17.41 -15.03 -26.82
CA LYS B 10 -18.42 -15.17 -25.77
C LYS B 10 -19.03 -13.79 -25.46
N PRO B 11 -20.35 -13.60 -25.61
CA PRO B 11 -20.96 -12.26 -25.60
C PRO B 11 -21.10 -11.63 -24.21
N LEU B 12 -21.36 -10.32 -24.21
CA LEU B 12 -21.52 -9.52 -22.99
C LEU B 12 -22.94 -9.67 -22.46
N HIS B 13 -23.07 -10.25 -21.26
CA HIS B 13 -24.36 -10.61 -20.70
C HIS B 13 -24.90 -9.51 -19.79
N ASN B 14 -24.55 -8.24 -20.09
CA ASN B 14 -24.92 -7.12 -19.24
C ASN B 14 -24.71 -5.80 -19.98
N ASP B 15 -24.99 -4.69 -19.26
CA ASP B 15 -24.73 -3.33 -19.69
C ASP B 15 -23.37 -3.23 -20.38
N TYR B 16 -23.34 -2.46 -21.48
CA TYR B 16 -22.20 -2.49 -22.40
C TYR B 16 -22.13 -1.15 -23.13
N GLN B 17 -21.46 -0.17 -22.50
CA GLN B 17 -21.32 1.17 -23.07
C GLN B 17 -20.11 1.21 -24.00
N ILE B 18 -20.30 1.81 -25.17
CA ILE B 18 -19.26 1.98 -26.18
C ILE B 18 -18.56 3.32 -25.91
N LEU B 19 -17.21 3.31 -25.91
CA LEU B 19 -16.41 4.49 -25.65
C LEU B 19 -15.77 4.98 -26.95
N ASP B 20 -15.44 6.28 -27.00
CA ASP B 20 -14.58 6.83 -28.03
C ASP B 20 -13.42 7.55 -27.34
N LYS B 21 -12.27 6.86 -27.25
CA LYS B 21 -11.08 7.40 -26.61
C LYS B 21 -9.97 7.52 -27.66
N SER B 22 -10.38 7.82 -28.91
CA SER B 22 -9.49 7.78 -30.07
C SER B 22 -8.46 8.90 -30.00
N LYS B 23 -8.87 10.05 -29.43
CA LYS B 23 -7.99 11.20 -29.32
C LYS B 23 -6.80 10.86 -28.44
N ILE B 24 -7.07 10.23 -27.28
CA ILE B 24 -6.07 9.88 -26.28
C ILE B 24 -5.10 8.82 -26.82
N PHE B 25 -5.60 7.86 -27.60
CA PHE B 25 -4.75 6.85 -28.22
C PHE B 25 -3.81 7.50 -29.24
N GLY B 26 -4.25 8.58 -29.91
CA GLY B 26 -3.43 9.29 -30.87
C GLY B 26 -2.99 8.37 -32.02
N SER B 27 -1.68 8.25 -32.24
CA SER B 27 -1.12 7.42 -33.31
C SER B 27 -1.07 5.94 -32.91
N ASN B 28 -1.31 5.64 -31.62
CA ASN B 28 -1.29 4.28 -31.12
C ASN B 28 -2.59 3.57 -31.49
N SER B 29 -2.50 2.25 -31.68
CA SER B 29 -3.66 1.43 -32.00
C SER B 29 -3.91 0.46 -30.85
N GLY B 30 -5.19 0.21 -30.53
CA GLY B 30 -5.54 -0.85 -29.59
C GLY B 30 -6.93 -0.64 -28.99
N SER B 31 -7.07 -1.00 -27.70
CA SER B 31 -8.37 -0.95 -27.03
C SER B 31 -8.21 -0.63 -25.55
N PHE B 32 -9.32 -0.18 -24.96
CA PHE B 32 -9.47 0.05 -23.54
C PHE B 32 -10.74 -0.66 -23.07
N VAL B 33 -10.65 -1.39 -21.96
CA VAL B 33 -11.78 -2.06 -21.37
C VAL B 33 -11.84 -1.65 -19.90
N MET B 34 -13.03 -1.33 -19.40
CA MET B 34 -13.21 -1.05 -17.99
C MET B 34 -14.52 -1.68 -17.49
N TYR B 35 -14.49 -2.18 -16.25
CA TYR B 35 -15.65 -2.80 -15.62
C TYR B 35 -15.93 -2.13 -14.28
N SER B 36 -17.16 -1.67 -14.05
CA SER B 36 -17.58 -1.12 -12.77
C SER B 36 -18.23 -2.21 -11.92
N MET B 37 -17.74 -2.41 -10.69
CA MET B 37 -18.32 -3.39 -9.77
C MET B 37 -19.75 -2.99 -9.40
N ALA B 38 -19.90 -1.75 -8.92
CA ALA B 38 -21.19 -1.23 -8.47
C ALA B 38 -22.25 -1.37 -9.56
N ALA B 39 -21.92 -0.88 -10.76
CA ALA B 39 -22.82 -0.87 -11.90
C ALA B 39 -22.96 -2.27 -12.52
N ASP B 40 -21.92 -3.10 -12.40
CA ASP B 40 -21.83 -4.37 -13.11
C ASP B 40 -21.95 -4.11 -14.60
N ALA B 41 -21.26 -3.06 -15.06
CA ALA B 41 -21.31 -2.60 -16.44
C ALA B 41 -19.89 -2.52 -17.01
N TYR B 42 -19.77 -2.77 -18.32
CA TYR B 42 -18.53 -2.67 -19.06
C TYR B 42 -18.54 -1.41 -19.92
N TYR B 43 -17.37 -0.80 -20.09
CA TYR B 43 -17.15 0.32 -20.99
C TYR B 43 -15.99 -0.04 -21.93
N ILE B 44 -16.18 0.06 -23.25
CA ILE B 44 -15.20 -0.47 -24.19
C ILE B 44 -14.95 0.50 -25.32
N TYR B 45 -13.66 0.87 -25.50
CA TYR B 45 -13.20 1.51 -26.71
C TYR B 45 -12.61 0.46 -27.66
N ASN B 46 -13.12 0.42 -28.89
N ASN B 46 -13.09 0.43 -28.90
CA ASN B 46 -12.69 -0.50 -29.93
CA ASN B 46 -12.65 -0.52 -29.92
C ASN B 46 -12.89 -1.94 -29.46
C ASN B 46 -12.89 -1.94 -29.43
N GLU B 47 -14.17 -2.31 -29.33
CA GLU B 47 -14.58 -3.62 -28.83
C GLU B 47 -14.11 -4.73 -29.78
N LYS B 48 -13.90 -4.39 -31.06
CA LYS B 48 -13.35 -5.34 -32.01
C LYS B 48 -11.93 -5.72 -31.60
N GLU B 49 -11.02 -4.74 -31.50
CA GLU B 49 -9.66 -5.03 -31.09
C GLU B 49 -9.68 -5.72 -29.74
N SER B 50 -10.61 -5.30 -28.85
CA SER B 50 -10.64 -5.76 -27.48
C SER B 50 -10.86 -7.26 -27.37
N ARG B 51 -11.35 -7.90 -28.44
CA ARG B 51 -11.63 -9.32 -28.41
C ARG B 51 -10.51 -10.12 -29.06
N LYS B 52 -9.61 -9.45 -29.79
CA LYS B 52 -8.46 -10.11 -30.39
C LYS B 52 -7.45 -10.47 -29.30
N ARG B 53 -6.84 -11.66 -29.44
CA ARG B 53 -5.97 -12.20 -28.41
C ARG B 53 -4.51 -11.94 -28.75
N TYR B 54 -3.73 -11.60 -27.71
CA TYR B 54 -2.30 -11.41 -27.85
C TYR B 54 -1.58 -12.04 -26.65
N SER B 55 -0.27 -12.20 -26.79
CA SER B 55 0.58 -12.67 -25.70
C SER B 55 0.43 -11.71 -24.53
N PRO B 56 0.21 -12.20 -23.28
CA PRO B 56 0.09 -11.32 -22.11
C PRO B 56 1.40 -10.69 -21.64
N ASN B 57 2.53 -11.29 -22.05
CA ASN B 57 3.87 -10.93 -21.63
C ASN B 57 3.87 -10.80 -20.10
N SER B 58 4.45 -9.70 -19.58
CA SER B 58 4.55 -9.56 -18.13
C SER B 58 3.25 -9.45 -17.33
N THR B 59 2.11 -9.17 -17.98
CA THR B 59 0.84 -9.15 -17.26
C THR B 59 0.58 -10.52 -16.64
N TYR B 60 1.17 -11.59 -17.22
CA TYR B 60 0.95 -12.94 -16.73
C TYR B 60 1.64 -13.18 -15.38
N LYS B 61 2.56 -12.28 -14.99
CA LYS B 61 3.24 -12.37 -13.71
C LYS B 61 2.26 -12.16 -12.55
N ILE B 62 1.10 -11.56 -12.82
CA ILE B 62 0.02 -11.52 -11.85
C ILE B 62 -0.32 -12.96 -11.43
N TYR B 63 -0.45 -13.84 -12.43
CA TYR B 63 -0.95 -15.19 -12.24
C TYR B 63 0.16 -16.11 -11.74
N LEU B 64 1.40 -15.91 -12.19
CA LEU B 64 2.53 -16.65 -11.68
C LEU B 64 2.74 -16.34 -10.19
N ALA B 65 2.51 -15.08 -9.80
CA ALA B 65 2.56 -14.67 -8.41
C ALA B 65 1.48 -15.42 -7.61
N MET B 66 0.25 -15.43 -8.12
CA MET B 66 -0.87 -16.12 -7.50
C MET B 66 -0.58 -17.61 -7.33
N PHE B 67 -0.17 -18.28 -8.42
CA PHE B 67 0.14 -19.70 -8.41
C PHE B 67 1.29 -20.01 -7.46
N GLY B 68 2.25 -19.07 -7.37
CA GLY B 68 3.37 -19.18 -6.44
C GLY B 68 2.95 -19.06 -4.97
N LEU B 69 1.94 -18.24 -4.69
CA LEU B 69 1.44 -18.08 -3.33
C LEU B 69 0.58 -19.29 -2.97
N ASP B 70 -0.23 -19.75 -3.93
CA ASP B 70 -1.17 -20.84 -3.75
C ASP B 70 -0.43 -22.14 -3.41
N ARG B 71 0.76 -22.33 -4.01
CA ARG B 71 1.56 -23.53 -3.82
C ARG B 71 2.72 -23.28 -2.86
N HIS B 72 2.69 -22.15 -2.13
CA HIS B 72 3.65 -21.85 -1.08
C HIS B 72 5.10 -21.97 -1.56
N ILE B 73 5.35 -21.56 -2.81
CA ILE B 73 6.71 -21.36 -3.31
C ILE B 73 7.24 -20.05 -2.71
N ILE B 74 6.33 -19.10 -2.51
CA ILE B 74 6.59 -17.86 -1.78
C ILE B 74 5.46 -17.67 -0.76
N ASN B 75 5.69 -16.82 0.24
CA ASN B 75 4.69 -16.57 1.28
C ASN B 75 4.88 -15.15 1.81
N ASP B 76 4.04 -14.73 2.76
CA ASP B 76 4.02 -13.35 3.22
C ASP B 76 5.10 -13.08 4.26
N GLU B 77 5.88 -14.10 4.65
CA GLU B 77 7.03 -13.89 5.51
C GLU B 77 8.32 -13.95 4.67
N ASN B 78 8.31 -14.74 3.59
CA ASN B 78 9.48 -14.84 2.72
C ASN B 78 9.03 -15.00 1.26
N SER B 79 9.13 -13.91 0.48
CA SER B 79 9.02 -13.98 -0.97
C SER B 79 10.34 -13.59 -1.63
N ARG B 80 11.42 -13.59 -0.83
CA ARG B 80 12.74 -13.16 -1.30
C ARG B 80 13.38 -14.26 -2.13
N MET B 81 14.19 -13.83 -3.12
CA MET B 81 14.96 -14.72 -3.96
C MET B 81 16.29 -14.04 -4.25
N SER B 82 17.38 -14.80 -4.16
CA SER B 82 18.70 -14.23 -4.36
C SER B 82 19.05 -14.26 -5.85
N TRP B 83 19.82 -13.25 -6.23
CA TRP B 83 20.34 -13.09 -7.58
C TRP B 83 21.50 -14.06 -7.81
N ASN B 84 21.45 -14.83 -8.91
CA ASN B 84 22.48 -15.82 -9.20
C ASN B 84 23.74 -15.20 -9.79
N HIS B 85 23.79 -13.85 -9.82
N HIS B 85 23.79 -13.86 -9.82
CA HIS B 85 24.96 -13.07 -10.21
CA HIS B 85 24.97 -13.09 -10.21
C HIS B 85 25.17 -13.16 -11.73
C HIS B 85 25.18 -13.19 -11.72
N LYS B 86 24.07 -13.21 -12.47
CA LYS B 86 24.07 -13.12 -13.92
C LYS B 86 23.70 -11.68 -14.28
N HIS B 87 24.56 -11.02 -15.07
CA HIS B 87 24.38 -9.61 -15.37
C HIS B 87 23.32 -9.46 -16.45
N TYR B 88 22.24 -8.72 -16.13
CA TYR B 88 21.28 -8.29 -17.12
C TYR B 88 21.55 -6.85 -17.51
N PRO B 89 21.03 -6.38 -18.67
CA PRO B 89 21.23 -4.99 -19.08
C PRO B 89 20.46 -3.96 -18.27
N PHE B 90 19.68 -4.41 -17.27
CA PHE B 90 18.91 -3.51 -16.41
C PHE B 90 19.35 -3.72 -14.97
N ASP B 91 19.86 -2.65 -14.34
CA ASP B 91 20.45 -2.76 -13.02
C ASP B 91 19.43 -3.21 -11.97
N ALA B 92 18.14 -2.90 -12.17
CA ALA B 92 17.11 -3.30 -11.21
C ALA B 92 16.98 -4.83 -11.11
N TRP B 93 17.43 -5.55 -12.16
CA TRP B 93 17.41 -7.00 -12.17
C TRP B 93 18.62 -7.61 -11.46
N ASN B 94 19.71 -6.83 -11.32
CA ASN B 94 21.01 -7.34 -10.90
C ASN B 94 21.13 -7.25 -9.37
N LYS B 95 20.19 -7.87 -8.66
CA LYS B 95 20.16 -7.83 -7.20
C LYS B 95 19.08 -8.79 -6.71
N GLU B 96 19.06 -9.07 -5.41
CA GLU B 96 18.03 -9.93 -4.85
C GLU B 96 16.69 -9.20 -4.94
N GLN B 97 15.60 -9.98 -4.92
CA GLN B 97 14.27 -9.47 -5.18
C GLN B 97 13.30 -10.06 -4.17
N ASP B 98 12.22 -9.33 -3.89
CA ASP B 98 11.02 -9.91 -3.30
C ASP B 98 9.87 -9.72 -4.31
N LEU B 99 8.66 -10.14 -3.93
CA LEU B 99 7.54 -10.09 -4.83
C LEU B 99 7.31 -8.65 -5.30
N ASN B 100 7.42 -7.70 -4.36
CA ASN B 100 7.17 -6.29 -4.59
C ASN B 100 8.14 -5.74 -5.63
N THR B 101 9.45 -5.95 -5.40
CA THR B 101 10.47 -5.41 -6.30
C THR B 101 10.44 -6.15 -7.63
N ALA B 102 10.16 -7.46 -7.62
CA ALA B 102 10.08 -8.24 -8.85
C ALA B 102 8.92 -7.75 -9.72
N MET B 103 7.75 -7.52 -9.10
CA MET B 103 6.58 -7.10 -9.84
C MET B 103 6.84 -5.70 -10.42
N GLN B 104 7.37 -4.80 -9.57
CA GLN B 104 7.53 -3.40 -9.93
C GLN B 104 8.54 -3.23 -11.07
N ASN B 105 9.59 -4.06 -11.09
CA ASN B 105 10.65 -3.91 -12.09
C ASN B 105 10.56 -5.00 -13.16
N SER B 106 9.47 -5.77 -13.15
CA SER B 106 9.25 -6.77 -14.17
C SER B 106 10.47 -7.68 -14.34
N VAL B 107 10.89 -8.29 -13.23
CA VAL B 107 12.12 -9.09 -13.20
C VAL B 107 11.78 -10.51 -13.64
N ASN B 108 12.11 -10.81 -14.90
CA ASN B 108 11.75 -12.06 -15.54
C ASN B 108 12.24 -13.26 -14.74
N TRP B 109 13.51 -13.23 -14.29
CA TRP B 109 14.12 -14.43 -13.73
C TRP B 109 13.39 -14.85 -12.46
N TYR B 110 12.89 -13.88 -11.67
CA TYR B 110 12.14 -14.17 -10.45
C TYR B 110 10.91 -15.03 -10.77
N PHE B 111 10.15 -14.65 -11.80
CA PHE B 111 8.88 -15.29 -12.12
C PHE B 111 9.12 -16.56 -12.93
N GLU B 112 10.20 -16.60 -13.71
CA GLU B 112 10.65 -17.80 -14.38
C GLU B 112 11.04 -18.88 -13.37
N ARG B 113 11.73 -18.47 -12.30
CA ARG B 113 12.11 -19.41 -11.25
C ARG B 113 10.87 -20.02 -10.62
N ILE B 114 9.80 -19.22 -10.47
CA ILE B 114 8.55 -19.70 -9.89
C ILE B 114 7.90 -20.70 -10.84
N SER B 115 7.81 -20.32 -12.12
CA SER B 115 7.18 -21.13 -13.15
C SER B 115 7.87 -22.49 -13.28
N ASP B 116 9.18 -22.53 -13.02
CA ASP B 116 9.98 -23.74 -13.12
C ASP B 116 9.54 -24.80 -12.10
N GLN B 117 8.97 -24.37 -10.97
CA GLN B 117 8.64 -25.27 -9.88
C GLN B 117 7.15 -25.64 -9.93
N ILE B 118 6.48 -25.26 -11.01
CA ILE B 118 5.05 -25.49 -11.16
C ILE B 118 4.85 -26.60 -12.21
N PRO B 119 4.11 -27.69 -11.88
CA PRO B 119 3.82 -28.74 -12.86
C PRO B 119 2.80 -28.30 -13.90
N LYS B 120 2.99 -28.79 -15.13
CA LYS B 120 2.18 -28.44 -16.29
C LYS B 120 0.69 -28.73 -16.04
N ASN B 121 0.40 -29.76 -15.24
CA ASN B 121 -0.97 -30.19 -14.99
C ASN B 121 -1.71 -29.16 -14.16
N TYR B 122 -1.03 -28.59 -13.15
CA TYR B 122 -1.63 -27.58 -12.29
C TYR B 122 -1.98 -26.32 -13.10
N THR B 123 -1.05 -25.90 -13.97
CA THR B 123 -1.22 -24.67 -14.73
C THR B 123 -2.44 -24.76 -15.65
N ALA B 124 -2.60 -25.89 -16.33
CA ALA B 124 -3.72 -26.11 -17.24
C ALA B 124 -5.06 -26.11 -16.49
N THR B 125 -5.05 -26.63 -15.26
CA THR B 125 -6.25 -26.66 -14.44
C THR B 125 -6.68 -25.23 -14.12
N GLN B 126 -5.69 -24.39 -13.77
CA GLN B 126 -5.93 -23.01 -13.39
C GLN B 126 -6.49 -22.23 -14.59
N LEU B 127 -5.86 -22.36 -15.77
CA LEU B 127 -6.26 -21.57 -16.92
C LEU B 127 -7.65 -22.00 -17.39
N LYS B 128 -8.00 -23.28 -17.17
CA LYS B 128 -9.33 -23.77 -17.51
C LYS B 128 -10.36 -23.15 -16.57
N GLN B 129 -10.07 -23.13 -15.27
CA GLN B 129 -10.95 -22.51 -14.29
C GLN B 129 -11.03 -21.00 -14.52
N LEU B 130 -9.88 -20.38 -14.82
CA LEU B 130 -9.79 -18.93 -14.95
C LEU B 130 -10.35 -18.48 -16.31
N ASN B 131 -10.54 -19.41 -17.26
CA ASN B 131 -10.91 -19.08 -18.63
C ASN B 131 -9.86 -18.16 -19.22
N TYR B 132 -8.58 -18.47 -18.98
CA TYR B 132 -7.49 -17.61 -19.41
C TYR B 132 -7.27 -17.80 -20.90
N GLY B 133 -7.87 -16.92 -21.70
CA GLY B 133 -7.59 -16.84 -23.12
C GLY B 133 -7.66 -18.21 -23.80
N ASN B 134 -6.65 -18.48 -24.63
CA ASN B 134 -6.59 -19.71 -25.42
C ASN B 134 -6.01 -20.86 -24.59
N LYS B 135 -5.67 -20.62 -23.32
CA LYS B 135 -5.22 -21.66 -22.41
C LYS B 135 -4.14 -22.55 -23.06
N ASN B 136 -3.34 -21.97 -23.96
CA ASN B 136 -2.39 -22.73 -24.76
C ASN B 136 -0.98 -22.56 -24.19
N LEU B 137 -0.49 -23.61 -23.52
CA LEU B 137 0.79 -23.59 -22.83
C LEU B 137 1.97 -23.85 -23.78
N GLY B 138 1.71 -24.42 -24.96
CA GLY B 138 2.76 -24.68 -25.94
C GLY B 138 3.89 -25.53 -25.35
N SER B 139 5.12 -25.02 -25.50
CA SER B 139 6.33 -25.75 -25.12
C SER B 139 6.58 -25.66 -23.60
N TYR B 140 5.88 -24.74 -22.92
CA TYR B 140 5.87 -24.65 -21.47
C TYR B 140 7.21 -24.14 -20.95
N LYS B 141 7.77 -23.15 -21.66
CA LYS B 141 8.90 -22.38 -21.17
C LYS B 141 8.75 -20.94 -21.64
N SER B 142 8.48 -20.05 -20.67
CA SER B 142 8.16 -18.65 -20.93
C SER B 142 7.05 -18.56 -21.98
N TYR B 143 6.07 -19.45 -21.86
CA TYR B 143 4.93 -19.55 -22.77
C TYR B 143 4.09 -18.27 -22.77
N TRP B 144 4.23 -17.44 -21.73
CA TRP B 144 3.51 -16.18 -21.62
C TRP B 144 4.22 -15.03 -22.33
N MET B 145 5.47 -15.26 -22.78
N MET B 145 5.45 -15.25 -22.81
CA MET B 145 6.31 -14.25 -23.41
CA MET B 145 6.25 -14.18 -23.38
C MET B 145 6.33 -14.44 -24.92
C MET B 145 6.36 -14.38 -24.89
N GLU B 146 5.47 -13.71 -25.64
CA GLU B 146 5.45 -13.72 -27.10
C GLU B 146 5.63 -15.15 -27.62
N ASP B 147 4.80 -16.05 -27.08
CA ASP B 147 4.86 -17.47 -27.39
C ASP B 147 3.42 -17.96 -27.60
N SER B 148 3.02 -19.03 -26.91
CA SER B 148 1.84 -19.78 -27.27
C SER B 148 0.58 -19.16 -26.65
N LEU B 149 0.67 -18.80 -25.36
CA LEU B 149 -0.48 -18.32 -24.60
C LEU B 149 -0.91 -16.95 -25.11
N LYS B 150 -2.22 -16.77 -25.31
CA LYS B 150 -2.77 -15.48 -25.71
C LYS B 150 -4.07 -15.21 -24.95
N ILE B 151 -4.41 -13.92 -24.86
CA ILE B 151 -5.59 -13.46 -24.16
C ILE B 151 -5.98 -12.10 -24.73
N SER B 152 -7.30 -11.86 -24.82
CA SER B 152 -7.84 -10.61 -25.31
C SER B 152 -7.89 -9.58 -24.18
N ASN B 153 -7.94 -8.31 -24.57
CA ASN B 153 -8.01 -7.20 -23.63
C ASN B 153 -9.30 -7.26 -22.82
N LEU B 154 -10.40 -7.65 -23.47
CA LEU B 154 -11.68 -7.85 -22.79
C LEU B 154 -11.55 -8.94 -21.73
N GLU B 155 -10.90 -10.06 -22.09
CA GLU B 155 -10.68 -11.18 -21.20
C GLU B 155 -9.76 -10.83 -20.02
N GLN B 156 -8.80 -9.92 -20.23
CA GLN B 156 -7.89 -9.54 -19.16
C GLN B 156 -8.69 -8.97 -18.00
N VAL B 157 -9.69 -8.14 -18.33
CA VAL B 157 -10.55 -7.51 -17.34
C VAL B 157 -11.42 -8.58 -16.67
N ILE B 158 -12.10 -9.41 -17.47
CA ILE B 158 -13.05 -10.41 -16.98
C ILE B 158 -12.34 -11.39 -16.04
N VAL B 159 -11.22 -11.94 -16.51
CA VAL B 159 -10.49 -13.00 -15.84
C VAL B 159 -9.92 -12.48 -14.52
N PHE B 160 -9.40 -11.23 -14.52
CA PHE B 160 -8.78 -10.66 -13.35
C PHE B 160 -9.86 -10.34 -12.30
N LYS B 161 -10.93 -9.67 -12.75
CA LYS B 161 -12.07 -9.34 -11.91
C LYS B 161 -12.61 -10.59 -11.23
N ASN B 162 -12.79 -11.67 -12.00
CA ASN B 162 -13.38 -12.90 -11.50
C ASN B 162 -12.43 -13.61 -10.54
N MET B 163 -11.11 -13.55 -10.80
CA MET B 163 -10.15 -14.26 -9.98
C MET B 163 -10.08 -13.59 -8.60
N MET B 164 -10.09 -12.26 -8.58
CA MET B 164 -9.93 -11.51 -7.36
C MET B 164 -11.25 -11.47 -6.59
N GLU B 165 -12.39 -11.30 -7.30
CA GLU B 165 -13.64 -10.96 -6.65
C GLU B 165 -14.48 -12.20 -6.30
N GLN B 166 -14.37 -13.27 -7.10
CA GLN B 166 -15.18 -14.46 -6.88
C GLN B 166 -14.52 -15.38 -5.87
N ASN B 167 -15.35 -16.19 -5.20
CA ASN B 167 -14.94 -17.14 -4.18
C ASN B 167 -14.34 -18.38 -4.85
N ASN B 168 -13.01 -18.48 -4.81
CA ASN B 168 -12.30 -19.58 -5.45
C ASN B 168 -11.37 -20.22 -4.42
N HIS B 169 -10.47 -21.09 -4.89
CA HIS B 169 -9.53 -21.76 -4.00
C HIS B 169 -8.35 -20.87 -3.63
N PHE B 170 -8.29 -19.64 -4.17
CA PHE B 170 -7.23 -18.70 -3.82
C PHE B 170 -7.59 -17.98 -2.52
N SER B 171 -6.71 -18.07 -1.52
CA SER B 171 -6.93 -17.44 -0.23
C SER B 171 -7.01 -15.92 -0.37
N LYS B 172 -7.51 -15.25 0.68
CA LYS B 172 -7.62 -13.80 0.70
C LYS B 172 -6.27 -13.16 1.04
N LYS B 173 -5.47 -13.85 1.86
CA LYS B 173 -4.15 -13.36 2.24
C LYS B 173 -3.21 -13.34 1.03
N ALA B 174 -3.46 -14.25 0.08
CA ALA B 174 -2.69 -14.31 -1.16
C ALA B 174 -3.11 -13.17 -2.09
N LYS B 175 -4.42 -12.96 -2.24
CA LYS B 175 -4.94 -11.85 -3.04
C LYS B 175 -4.42 -10.53 -2.50
N ASN B 176 -4.35 -10.39 -1.17
CA ASN B 176 -3.89 -9.17 -0.53
C ASN B 176 -2.41 -8.94 -0.82
N GLN B 177 -1.60 -9.99 -0.75
CA GLN B 177 -0.17 -9.85 -0.98
C GLN B 177 0.08 -9.52 -2.46
N LEU B 178 -0.70 -10.13 -3.36
CA LEU B 178 -0.62 -9.79 -4.77
C LEU B 178 -0.97 -8.31 -4.95
N SER B 179 -2.11 -7.92 -4.37
N SER B 179 -2.11 -7.90 -4.37
CA SER B 179 -2.63 -6.56 -4.42
CA SER B 179 -2.58 -6.54 -4.47
C SER B 179 -1.54 -5.57 -3.99
C SER B 179 -1.52 -5.56 -4.00
N SER B 180 -0.87 -5.88 -2.87
CA SER B 180 0.23 -5.08 -2.34
C SER B 180 1.34 -4.91 -3.37
N SER B 181 1.71 -5.99 -4.06
CA SER B 181 2.76 -5.94 -5.07
C SER B 181 2.34 -5.07 -6.26
N LEU B 182 1.03 -4.84 -6.43
CA LEU B 182 0.51 -4.17 -7.62
C LEU B 182 0.19 -2.71 -7.34
N LEU B 183 0.31 -2.26 -6.09
CA LEU B 183 -0.12 -0.90 -5.77
C LEU B 183 0.83 0.08 -6.46
N ILE B 184 0.26 1.06 -7.18
CA ILE B 184 1.04 2.07 -7.90
C ILE B 184 0.84 3.44 -7.26
N LYS B 185 -0.41 3.84 -7.03
CA LYS B 185 -0.72 5.13 -6.44
C LYS B 185 -1.80 4.99 -5.37
N LYS B 186 -1.69 5.85 -4.34
CA LYS B 186 -2.72 5.99 -3.34
C LYS B 186 -2.77 7.45 -2.89
N ASN B 187 -3.99 7.99 -2.86
CA ASN B 187 -4.25 9.33 -2.33
C ASN B 187 -5.66 9.31 -1.73
N GLU B 188 -6.16 10.50 -1.37
CA GLU B 188 -7.45 10.65 -0.71
C GLU B 188 -8.56 10.04 -1.57
N LYS B 189 -8.42 10.17 -2.89
CA LYS B 189 -9.51 9.92 -3.81
C LYS B 189 -9.49 8.47 -4.33
N TYR B 190 -8.31 7.85 -4.51
CA TYR B 190 -8.27 6.54 -5.13
C TYR B 190 -6.99 5.78 -4.79
N GLU B 191 -7.06 4.45 -4.97
CA GLU B 191 -5.91 3.57 -5.04
C GLU B 191 -5.85 2.93 -6.43
N LEU B 192 -4.68 3.07 -7.09
CA LEU B 192 -4.46 2.48 -8.41
C LEU B 192 -3.49 1.31 -8.28
N TYR B 193 -3.95 0.18 -8.78
CA TYR B 193 -3.16 -1.04 -8.87
C TYR B 193 -3.03 -1.45 -10.34
N GLY B 194 -1.89 -2.04 -10.72
CA GLY B 194 -1.78 -2.52 -12.08
C GLY B 194 -0.41 -3.13 -12.42
N LYS B 195 -0.35 -3.74 -13.61
CA LYS B 195 0.84 -4.43 -14.06
C LYS B 195 1.01 -4.16 -15.56
N THR B 196 2.19 -3.63 -15.91
CA THR B 196 2.53 -3.40 -17.30
C THR B 196 2.97 -4.71 -17.95
N GLY B 197 2.87 -4.73 -19.27
CA GLY B 197 3.40 -5.81 -20.09
C GLY B 197 3.91 -5.24 -21.41
N THR B 198 5.09 -5.71 -21.82
CA THR B 198 5.75 -5.24 -23.02
C THR B 198 6.28 -6.46 -23.75
N GLY B 199 5.96 -6.57 -25.04
CA GLY B 199 6.50 -7.62 -25.88
C GLY B 199 7.51 -7.03 -26.86
N ILE B 200 8.66 -7.69 -26.98
CA ILE B 200 9.73 -7.28 -27.88
C ILE B 200 9.91 -8.34 -28.95
N VAL B 201 9.73 -7.93 -30.21
CA VAL B 201 9.95 -8.80 -31.35
C VAL B 201 11.03 -8.17 -32.22
N ASN B 202 12.21 -8.81 -32.20
CA ASN B 202 13.33 -8.38 -33.03
C ASN B 202 13.67 -6.93 -32.72
N GLY B 203 13.75 -6.61 -31.42
CA GLY B 203 14.32 -5.36 -30.95
C GLY B 203 13.32 -4.20 -30.92
N LYS B 204 12.05 -4.45 -31.26
CA LYS B 204 11.03 -3.41 -31.35
C LYS B 204 9.79 -3.78 -30.54
N TYR B 205 9.14 -2.77 -29.95
CA TYR B 205 7.89 -2.96 -29.25
C TYR B 205 6.82 -3.43 -30.22
N ASN B 206 6.08 -4.49 -29.86
CA ASN B 206 5.01 -4.96 -30.72
C ASN B 206 3.72 -5.23 -29.94
N ASN B 207 3.71 -4.98 -28.62
CA ASN B 207 2.68 -5.54 -27.76
C ASN B 207 2.76 -4.87 -26.38
N GLY B 208 1.78 -4.01 -26.08
CA GLY B 208 1.77 -3.23 -24.86
C GLY B 208 0.50 -3.45 -24.04
N TRP B 209 0.66 -3.62 -22.71
CA TRP B 209 -0.44 -3.85 -21.79
C TRP B 209 -0.31 -2.96 -20.55
N PHE B 210 -1.45 -2.59 -20.00
CA PHE B 210 -1.55 -2.24 -18.60
C PHE B 210 -2.87 -2.79 -18.10
N VAL B 211 -2.80 -3.68 -17.10
CA VAL B 211 -3.98 -4.35 -16.55
C VAL B 211 -4.01 -4.03 -15.05
N GLY B 212 -5.16 -3.60 -14.53
CA GLY B 212 -5.21 -3.24 -13.13
C GLY B 212 -6.62 -2.99 -12.61
N TYR B 213 -6.69 -2.28 -11.49
CA TYR B 213 -7.96 -1.86 -10.90
C TYR B 213 -7.74 -0.62 -10.03
N VAL B 214 -8.82 0.16 -9.91
CA VAL B 214 -8.86 1.39 -9.11
C VAL B 214 -9.94 1.22 -8.05
N ILE B 215 -9.60 1.52 -6.79
CA ILE B 215 -10.58 1.64 -5.72
C ILE B 215 -10.82 3.11 -5.44
N THR B 216 -12.09 3.53 -5.52
CA THR B 216 -12.48 4.86 -5.07
C THR B 216 -13.26 4.72 -3.76
N ASN B 217 -13.77 5.85 -3.27
CA ASN B 217 -14.63 5.83 -2.09
C ASN B 217 -15.94 5.13 -2.43
N HIS B 218 -16.39 5.25 -3.68
CA HIS B 218 -17.74 4.84 -4.08
C HIS B 218 -17.76 3.51 -4.85
N ASP B 219 -16.60 3.02 -5.34
CA ASP B 219 -16.64 1.89 -6.27
C ASP B 219 -15.25 1.27 -6.45
N LYS B 220 -15.22 0.23 -7.28
CA LYS B 220 -14.01 -0.48 -7.67
C LYS B 220 -14.13 -0.80 -9.16
N TYR B 221 -13.12 -0.39 -9.96
CA TYR B 221 -13.15 -0.56 -11.41
C TYR B 221 -11.97 -1.42 -11.85
N TYR B 222 -12.25 -2.51 -12.59
CA TYR B 222 -11.21 -3.29 -13.23
C TYR B 222 -11.01 -2.76 -14.64
N PHE B 223 -9.77 -2.75 -15.12
CA PHE B 223 -9.52 -2.17 -16.45
C PHE B 223 -8.29 -2.80 -17.09
N ALA B 224 -8.20 -2.59 -18.41
CA ALA B 224 -7.04 -3.03 -19.18
C ALA B 224 -6.96 -2.22 -20.47
N THR B 225 -5.73 -1.84 -20.81
CA THR B 225 -5.38 -1.22 -22.08
C THR B 225 -4.45 -2.16 -22.83
N HIS B 226 -4.74 -2.33 -24.13
CA HIS B 226 -3.82 -3.00 -25.04
C HIS B 226 -3.45 -2.06 -26.18
N LEU B 227 -2.17 -2.09 -26.55
CA LEU B 227 -1.67 -1.39 -27.73
C LEU B 227 -1.06 -2.42 -28.69
N SER B 228 -1.54 -2.43 -29.94
CA SER B 228 -1.06 -3.38 -30.93
C SER B 228 -0.09 -2.71 -31.92
N ASP B 229 -0.15 -1.38 -32.04
CA ASP B 229 0.65 -0.69 -33.03
C ASP B 229 0.86 0.75 -32.59
N GLY B 230 1.73 1.47 -33.30
CA GLY B 230 2.13 2.81 -32.93
C GLY B 230 3.42 2.77 -32.10
N LYS B 231 3.27 2.91 -30.78
CA LYS B 231 4.37 2.72 -29.85
C LYS B 231 3.90 1.77 -28.75
N PRO B 232 3.77 0.46 -29.03
CA PRO B 232 3.03 -0.46 -28.16
C PRO B 232 3.85 -1.02 -27.01
N SER B 233 4.07 -0.18 -25.99
CA SER B 233 4.82 -0.58 -24.79
C SER B 233 3.90 -0.58 -23.58
N GLY B 234 4.30 -1.34 -22.55
CA GLY B 234 3.62 -1.31 -21.26
C GLY B 234 3.53 0.09 -20.68
N LYS B 235 4.67 0.79 -20.66
CA LYS B 235 4.71 2.16 -20.14
C LYS B 235 3.66 3.01 -20.84
N ASN B 236 3.59 2.91 -22.17
CA ASN B 236 2.68 3.72 -22.96
C ASN B 236 1.24 3.29 -22.67
N ALA B 237 1.01 1.98 -22.52
CA ALA B 237 -0.30 1.45 -22.18
C ALA B 237 -0.78 2.02 -20.83
N GLU B 238 0.13 2.15 -19.87
CA GLU B 238 -0.19 2.70 -18.56
C GLU B 238 -0.55 4.19 -18.64
N LEU B 239 0.24 4.96 -19.40
CA LEU B 239 -0.02 6.38 -19.61
C LEU B 239 -1.41 6.62 -20.19
N ILE B 240 -1.77 5.83 -21.20
CA ILE B 240 -3.06 5.96 -21.85
C ILE B 240 -4.18 5.53 -20.90
N SER B 241 -3.93 4.51 -20.06
CA SER B 241 -4.94 4.05 -19.10
C SER B 241 -5.25 5.16 -18.10
N GLU B 242 -4.19 5.80 -17.59
CA GLU B 242 -4.32 6.80 -16.55
C GLU B 242 -5.07 8.01 -17.09
N LYS B 243 -4.83 8.42 -18.34
CA LYS B 243 -5.43 9.63 -18.84
C LYS B 243 -6.87 9.36 -19.30
N ILE B 244 -7.18 8.10 -19.65
CA ILE B 244 -8.57 7.72 -19.87
C ILE B 244 -9.32 7.71 -18.54
N LEU B 245 -8.75 7.05 -17.53
CA LEU B 245 -9.41 6.90 -16.24
C LEU B 245 -9.70 8.28 -15.66
N LYS B 246 -8.73 9.21 -15.78
CA LYS B 246 -8.89 10.57 -15.30
C LYS B 246 -10.02 11.26 -16.07
N GLU B 247 -9.93 11.25 -17.40
CA GLU B 247 -10.87 11.96 -18.25
C GLU B 247 -12.30 11.46 -17.99
N MET B 248 -12.43 10.17 -17.65
CA MET B 248 -13.74 9.56 -17.39
C MET B 248 -14.27 9.92 -16.00
N GLY B 249 -13.44 10.54 -15.14
CA GLY B 249 -13.87 10.99 -13.83
C GLY B 249 -13.55 10.00 -12.71
N VAL B 250 -12.99 8.82 -13.05
CA VAL B 250 -12.78 7.73 -12.10
C VAL B 250 -11.77 8.13 -11.01
N LEU B 251 -10.82 9.00 -11.35
CA LEU B 251 -9.81 9.44 -10.40
C LEU B 251 -10.33 10.60 -9.53
N ASN B 252 -11.61 10.97 -9.74
CA ASN B 252 -12.35 11.83 -8.82
C ASN B 252 -11.64 13.17 -8.66
#